data_6LDT
#
_entry.id   6LDT
#
_cell.length_a   98.370
_cell.length_b   98.370
_cell.length_c   121.720
_cell.angle_alpha   90.000
_cell.angle_beta   90.000
_cell.angle_gamma   90.000
#
_symmetry.space_group_name_H-M   'P 43 21 2'
#
loop_
_entity.id
_entity.type
_entity.pdbx_description
1 polymer 'L-tyrosine/L-aspartate decarboxylase'
2 non-polymer GLYCEROL
3 non-polymer 'SULFATE ION'
4 non-polymer '[(4Z)-4-[[(Z)-2-(4-hydroxyphenyl)ethylideneamino]methylidene]-6-methyl-5-oxidanyl-1H-pyridin-3-yl]methyl dihydrogen phosphate'
5 water water
#
_entity_poly.entity_id   1
_entity_poly.type   'polypeptide(L)'
_entity_poly.pdbx_seq_one_letter_code
;MGSDKIHHHHHHENLYFQGMRNMQEKGVSEKEILEELKKYRSLDLKYEDGNIFGSMCSNVLPITRKIVDIFLETNLGDPG
LFKGTKLLEEKAVALLGSLLNNKDAYGHIVSGGTEANLMALRCIKNIWREKRRKGLSKNEHP(LLP)IIVPITAHFSFEK
GREMMDLEYIYAPIKEDYTIDEKFVKDAVEDYDVDGIIGIAGTTELGTIDNIEELSKIAKENNIYIHVDAAFGGLVIPFL
DDKYKKKGVNYKFDFSLGVDSITIDPHAMGHCPIPSGGILFKDIGYKRYLDVDAPYLTETRQATILGTRVGFGGACTYAV
LRYLGREGQRKIVNECMENTLYLYKKLKENNFKPVIEPILNIVAIEDEDYKEVCKKLRDRGIYVSVCNCVKALRIVVMPH
IKREHIDNFIEILNSIKRD
;
_entity_poly.pdbx_strand_id   A
#
loop_
_chem_comp.id
_chem_comp.type
_chem_comp.name
_chem_comp.formula
EBR non-polymer '[(4Z)-4-[[(Z)-2-(4-hydroxyphenyl)ethylideneamino]methylidene]-6-methyl-5-oxidanyl-1H-pyridin-3-yl]methyl dihydrogen phosphate' 'C16 H19 N2 O6 P'
GOL non-polymer GLYCEROL 'C3 H8 O3'
SO4 non-polymer 'SULFATE ION' 'O4 S -2'
#
# COMPACT_ATOMS: atom_id res chain seq x y z
CA ARG A 21 12.76 29.41 16.56
C ARG A 21 11.46 30.12 16.90
N ASN A 22 11.51 31.44 16.96
CA ASN A 22 10.36 32.27 17.32
C ASN A 22 9.92 33.09 16.12
N MET A 23 8.63 33.39 16.07
CA MET A 23 8.12 34.25 15.02
C MET A 23 8.75 35.64 15.14
N GLN A 24 9.19 36.19 14.00
CA GLN A 24 9.88 37.47 13.96
C GLN A 24 9.04 38.53 13.26
N GLU A 25 9.27 39.79 13.64
CA GLU A 25 8.60 40.92 13.01
C GLU A 25 9.03 41.08 11.56
N LYS A 26 10.33 41.12 11.30
CA LYS A 26 10.83 41.33 9.95
C LYS A 26 10.91 40.01 9.19
N GLY A 27 10.64 40.06 7.89
CA GLY A 27 10.80 38.90 7.04
C GLY A 27 12.27 38.71 6.67
N VAL A 28 12.54 37.62 5.95
CA VAL A 28 13.88 37.34 5.45
C VAL A 28 13.81 37.18 3.94
N SER A 29 14.97 37.24 3.29
CA SER A 29 15.01 37.17 1.84
C SER A 29 14.81 35.72 1.37
N GLU A 30 14.44 35.58 0.10
CA GLU A 30 14.33 34.24 -0.47
C GLU A 30 15.66 33.48 -0.39
N LYS A 31 16.77 34.15 -0.72
CA LYS A 31 18.05 33.45 -0.67
C LYS A 31 18.35 32.91 0.73
N GLU A 32 18.03 33.70 1.77
CA GLU A 32 18.27 33.24 3.13
C GLU A 32 17.43 32.01 3.45
N ILE A 33 16.14 32.06 3.14
CA ILE A 33 15.28 30.96 3.58
C ILE A 33 15.53 29.72 2.73
N LEU A 34 15.77 29.88 1.42
CA LEU A 34 16.10 28.73 0.59
C LEU A 34 17.40 28.07 1.04
N GLU A 35 18.40 28.87 1.41
CA GLU A 35 19.66 28.31 1.88
C GLU A 35 19.48 27.55 3.19
N GLU A 36 18.67 28.08 4.10
CA GLU A 36 18.37 27.35 5.33
C GLU A 36 17.68 26.02 5.02
N LEU A 37 16.68 26.05 4.14
CA LEU A 37 15.95 24.83 3.83
C LEU A 37 16.86 23.78 3.20
N LYS A 38 17.73 24.20 2.29
CA LYS A 38 18.65 23.27 1.65
C LYS A 38 19.60 22.66 2.66
N LYS A 39 19.96 23.40 3.71
CA LYS A 39 20.79 22.85 4.77
C LYS A 39 20.04 21.75 5.52
N TYR A 40 18.75 21.96 5.80
CA TYR A 40 17.97 20.89 6.43
C TYR A 40 17.81 19.71 5.47
N ARG A 41 17.51 19.97 4.20
CA ARG A 41 17.36 18.89 3.23
C ARG A 41 18.63 18.04 3.14
N SER A 42 19.80 18.67 3.29
N SER A 42 19.80 18.67 3.29
CA SER A 42 21.05 17.90 3.27
CA SER A 42 21.05 17.91 3.27
C SER A 42 21.12 16.90 4.41
C SER A 42 21.12 16.90 4.41
N LEU A 43 20.39 17.13 5.51
CA LEU A 43 20.37 16.16 6.59
C LEU A 43 19.48 14.95 6.29
N ASP A 44 18.57 15.07 5.32
CA ASP A 44 17.75 13.94 4.91
C ASP A 44 18.57 12.91 4.15
N LEU A 45 18.07 11.66 4.17
CA LEU A 45 18.48 10.72 3.15
C LEU A 45 17.75 11.01 1.84
N LYS A 46 18.30 10.49 0.74
CA LYS A 46 17.65 10.57 -0.56
C LYS A 46 17.57 9.17 -1.16
N TYR A 47 16.43 8.88 -1.81
CA TYR A 47 16.20 7.53 -2.35
C TYR A 47 17.33 7.07 -3.24
N GLU A 48 17.87 7.96 -4.07
CA GLU A 48 18.82 7.56 -5.09
C GLU A 48 20.23 7.32 -4.57
N ASP A 49 20.46 7.41 -3.26
CA ASP A 49 21.81 7.41 -2.71
C ASP A 49 22.29 6.06 -2.17
N GLY A 50 21.46 5.02 -2.21
CA GLY A 50 21.87 3.73 -1.70
C GLY A 50 21.82 3.59 -0.20
N ASN A 51 21.03 4.41 0.47
CA ASN A 51 20.89 4.36 1.92
C ASN A 51 19.58 3.70 2.36
N ILE A 52 18.51 3.95 1.63
CA ILE A 52 17.15 3.62 2.06
C ILE A 52 16.78 2.25 1.53
N PHE A 53 16.66 1.27 2.42
CA PHE A 53 16.32 -0.09 2.03
C PHE A 53 14.98 -0.56 2.58
N GLY A 54 14.33 0.19 3.45
CA GLY A 54 13.12 -0.29 4.09
C GLY A 54 11.86 0.51 3.83
N SER A 55 11.83 1.26 2.72
CA SER A 55 10.73 2.17 2.42
C SER A 55 9.89 1.61 1.28
N MET A 56 8.56 1.75 1.39
CA MET A 56 7.68 1.44 0.27
C MET A 56 7.38 2.66 -0.60
N CYS A 57 8.08 3.78 -0.38
CA CYS A 57 8.09 4.90 -1.31
C CYS A 57 9.46 4.96 -1.98
N SER A 58 9.52 5.65 -3.12
CA SER A 58 10.77 5.75 -3.86
C SER A 58 10.77 7.05 -4.66
N ASN A 59 11.73 7.18 -5.58
CA ASN A 59 11.78 8.36 -6.44
C ASN A 59 10.51 8.44 -7.30
N VAL A 60 10.02 9.65 -7.49
CA VAL A 60 8.86 9.83 -8.36
C VAL A 60 9.32 9.87 -9.80
N LEU A 61 8.43 9.49 -10.71
CA LEU A 61 8.72 9.65 -12.13
C LEU A 61 8.97 11.14 -12.42
N PRO A 62 10.09 11.49 -13.05
CA PRO A 62 10.45 12.90 -13.20
C PRO A 62 9.36 13.79 -13.78
N ILE A 63 8.54 13.25 -14.68
CA ILE A 63 7.47 14.06 -15.26
C ILE A 63 6.50 14.56 -14.20
N THR A 64 6.37 13.86 -13.07
CA THR A 64 5.39 14.30 -12.10
C THR A 64 5.75 15.64 -11.47
N ARG A 65 7.02 16.04 -11.49
CA ARG A 65 7.40 17.33 -10.93
C ARG A 65 6.72 18.47 -11.66
N LYS A 66 6.65 18.38 -12.99
CA LYS A 66 5.92 19.36 -13.79
C LYS A 66 4.42 19.31 -13.51
N ILE A 67 3.88 18.10 -13.33
CA ILE A 67 2.44 17.96 -13.10
C ILE A 67 2.07 18.56 -11.76
N VAL A 68 2.86 18.28 -10.73
CA VAL A 68 2.64 18.89 -9.43
C VAL A 68 2.61 20.41 -9.55
N ASP A 69 3.56 20.96 -10.31
CA ASP A 69 3.59 22.41 -10.48
C ASP A 69 2.32 22.91 -11.17
N ILE A 70 1.89 22.22 -12.23
CA ILE A 70 0.71 22.66 -12.97
C ILE A 70 -0.53 22.63 -12.09
N PHE A 71 -0.65 21.60 -11.26
CA PHE A 71 -1.88 21.38 -10.50
C PHE A 71 -1.75 21.74 -9.03
N LEU A 72 -0.67 22.43 -8.65
CA LEU A 72 -0.46 22.78 -7.25
C LEU A 72 -1.61 23.58 -6.69
N GLU A 73 -2.13 24.54 -7.45
CA GLU A 73 -3.20 25.41 -6.99
C GLU A 73 -4.58 24.91 -7.42
N THR A 74 -4.84 23.62 -7.13
CA THR A 74 -6.16 23.03 -7.29
C THR A 74 -6.55 22.40 -5.95
N ASN A 75 -7.82 22.02 -5.84
CA ASN A 75 -8.34 21.53 -4.56
C ASN A 75 -9.55 20.66 -4.86
N LEU A 76 -9.39 19.34 -4.75
CA LEU A 76 -10.50 18.46 -5.04
C LEU A 76 -11.54 18.44 -3.93
N GLY A 77 -11.32 19.18 -2.85
CA GLY A 77 -12.39 19.44 -1.91
C GLY A 77 -13.44 20.41 -2.41
N ASP A 78 -13.15 21.16 -3.48
CA ASP A 78 -14.12 22.06 -4.10
C ASP A 78 -14.09 21.79 -5.58
N PRO A 79 -14.54 20.59 -6.00
CA PRO A 79 -14.36 20.19 -7.39
C PRO A 79 -15.16 21.04 -8.37
N GLY A 80 -16.19 21.75 -7.90
CA GLY A 80 -16.93 22.65 -8.77
C GLY A 80 -16.09 23.77 -9.34
N LEU A 81 -14.96 24.10 -8.71
CA LEU A 81 -14.08 25.14 -9.19
C LEU A 81 -12.98 24.62 -10.10
N PHE A 82 -12.75 23.31 -10.11
CA PHE A 82 -11.64 22.71 -10.85
C PHE A 82 -12.20 21.50 -11.61
N LYS A 83 -13.05 21.77 -12.61
CA LYS A 83 -13.75 20.68 -13.28
C LYS A 83 -12.79 19.77 -14.00
N GLY A 84 -11.70 20.31 -14.56
CA GLY A 84 -10.77 19.47 -15.29
C GLY A 84 -9.93 18.59 -14.38
N THR A 85 -9.48 19.15 -13.25
CA THR A 85 -8.76 18.34 -12.28
C THR A 85 -9.65 17.24 -11.71
N LYS A 86 -10.94 17.54 -11.51
CA LYS A 86 -11.86 16.51 -11.05
C LYS A 86 -12.05 15.43 -12.11
N LEU A 87 -12.16 15.81 -13.38
CA LEU A 87 -12.24 14.81 -14.44
C LEU A 87 -10.98 13.95 -14.47
N LEU A 88 -9.82 14.55 -14.24
CA LEU A 88 -8.60 13.76 -14.21
C LEU A 88 -8.59 12.77 -13.05
N GLU A 89 -9.16 13.14 -11.90
CA GLU A 89 -9.28 12.15 -10.82
C GLU A 89 -10.16 10.99 -11.25
N GLU A 90 -11.29 11.28 -11.91
CA GLU A 90 -12.16 10.21 -12.38
C GLU A 90 -11.45 9.34 -13.42
N LYS A 91 -10.65 9.95 -14.28
CA LYS A 91 -9.91 9.16 -15.27
C LYS A 91 -8.81 8.33 -14.61
N ALA A 92 -8.14 8.89 -13.59
CA ALA A 92 -7.16 8.11 -12.84
C ALA A 92 -7.81 6.89 -12.20
N VAL A 93 -8.98 7.09 -11.61
CA VAL A 93 -9.70 5.98 -10.97
C VAL A 93 -10.12 4.96 -12.01
N ALA A 94 -10.52 5.43 -13.20
CA ALA A 94 -10.93 4.53 -14.27
C ALA A 94 -9.74 3.68 -14.75
N LEU A 95 -8.55 4.27 -14.84
CA LEU A 95 -7.39 3.49 -15.26
C LEU A 95 -7.03 2.44 -14.23
N LEU A 96 -7.09 2.80 -12.94
CA LEU A 96 -6.86 1.80 -11.90
C LEU A 96 -7.93 0.72 -11.93
N GLY A 97 -9.18 1.13 -12.13
CA GLY A 97 -10.26 0.15 -12.22
C GLY A 97 -10.08 -0.81 -13.37
N SER A 98 -9.67 -0.28 -14.53
CA SER A 98 -9.37 -1.13 -15.68
C SER A 98 -8.23 -2.08 -15.38
N LEU A 99 -7.18 -1.59 -14.72
CA LEU A 99 -6.10 -2.47 -14.29
C LEU A 99 -6.61 -3.59 -13.38
N LEU A 100 -7.63 -3.31 -12.58
CA LEU A 100 -8.19 -4.25 -11.62
C LEU A 100 -9.43 -4.96 -12.15
N ASN A 101 -9.63 -4.93 -13.48
CA ASN A 101 -10.73 -5.66 -14.14
C ASN A 101 -12.11 -5.16 -13.70
N ASN A 102 -12.28 -3.84 -13.59
CA ASN A 102 -13.60 -3.32 -13.28
C ASN A 102 -13.74 -1.96 -13.94
N LYS A 103 -14.48 -1.91 -15.05
CA LYS A 103 -14.72 -0.67 -15.80
C LYS A 103 -15.73 0.25 -15.13
N ASP A 104 -16.47 -0.21 -14.14
CA ASP A 104 -17.47 0.61 -13.49
C ASP A 104 -17.07 1.02 -12.08
N ALA A 105 -15.78 0.92 -11.74
CA ALA A 105 -15.36 1.19 -10.37
C ALA A 105 -15.70 2.63 -9.98
N TYR A 106 -16.14 2.79 -8.75
CA TYR A 106 -16.34 4.09 -8.13
C TYR A 106 -15.24 4.29 -7.10
N GLY A 107 -14.57 5.43 -7.15
CA GLY A 107 -13.46 5.59 -6.22
C GLY A 107 -12.88 6.98 -6.23
N HIS A 108 -11.75 7.10 -5.51
CA HIS A 108 -11.10 8.38 -5.31
C HIS A 108 -9.59 8.19 -5.26
N ILE A 109 -8.87 9.23 -5.66
CA ILE A 109 -7.43 9.31 -5.44
C ILE A 109 -7.27 10.10 -4.15
N VAL A 110 -6.99 9.39 -3.06
CA VAL A 110 -7.03 10.00 -1.73
C VAL A 110 -5.62 10.25 -1.26
N SER A 111 -5.44 10.44 0.06
CA SER A 111 -4.13 10.87 0.58
C SER A 111 -3.14 9.72 0.73
N GLY A 112 -3.61 8.48 0.71
CA GLY A 112 -2.71 7.36 0.90
C GLY A 112 -3.53 6.12 1.24
N GLY A 113 -2.79 5.03 1.46
CA GLY A 113 -3.45 3.77 1.79
C GLY A 113 -4.18 3.80 3.11
N THR A 114 -3.74 4.67 4.04
CA THR A 114 -4.42 4.74 5.32
C THR A 114 -5.84 5.30 5.14
N GLU A 115 -5.97 6.45 4.48
CA GLU A 115 -7.31 7.01 4.23
C GLU A 115 -8.15 6.04 3.40
N ALA A 116 -7.53 5.35 2.44
CA ALA A 116 -8.27 4.39 1.63
C ALA A 116 -8.85 3.27 2.49
N ASN A 117 -8.01 2.65 3.34
CA ASN A 117 -8.51 1.61 4.24
C ASN A 117 -9.57 2.16 5.20
N LEU A 118 -9.37 3.38 5.72
CA LEU A 118 -10.36 3.96 6.62
C LEU A 118 -11.70 4.15 5.91
N MET A 119 -11.67 4.52 4.63
CA MET A 119 -12.91 4.70 3.88
C MET A 119 -13.62 3.37 3.65
N ALA A 120 -12.85 2.31 3.35
CA ALA A 120 -13.45 0.98 3.26
C ALA A 120 -14.09 0.58 4.58
N LEU A 121 -13.39 0.85 5.69
CA LEU A 121 -13.93 0.53 7.01
C LEU A 121 -15.20 1.34 7.30
N ARG A 122 -15.23 2.61 6.88
CA ARG A 122 -16.44 3.42 7.04
C ARG A 122 -17.61 2.79 6.30
N CYS A 123 -17.35 2.33 5.08
CA CYS A 123 -18.38 1.67 4.28
C CYS A 123 -18.90 0.41 4.97
N ILE A 124 -17.98 -0.45 5.41
CA ILE A 124 -18.35 -1.66 6.16
C ILE A 124 -19.21 -1.29 7.36
N LYS A 125 -18.81 -0.27 8.11
CA LYS A 125 -19.53 0.11 9.31
C LYS A 125 -20.92 0.65 8.97
N ASN A 126 -21.04 1.42 7.89
CA ASN A 126 -22.35 1.98 7.53
C ASN A 126 -23.30 0.92 6.96
N ILE A 127 -22.77 -0.09 6.27
CA ILE A 127 -23.62 -1.23 5.91
C ILE A 127 -24.15 -1.92 7.17
N TRP A 128 -23.27 -2.14 8.15
CA TRP A 128 -23.70 -2.65 9.44
C TRP A 128 -24.72 -1.73 10.11
N ARG A 129 -24.51 -0.41 10.05
CA ARG A 129 -25.43 0.50 10.73
C ARG A 129 -26.84 0.37 10.16
N GLU A 130 -26.94 0.28 8.82
CA GLU A 130 -28.24 0.10 8.19
C GLU A 130 -28.92 -1.17 8.70
N LYS A 131 -28.16 -2.25 8.86
CA LYS A 131 -28.72 -3.49 9.39
C LYS A 131 -29.19 -3.31 10.82
N ARG A 132 -28.36 -2.66 11.65
CA ARG A 132 -28.74 -2.41 13.04
C ARG A 132 -30.05 -1.64 13.12
N ARG A 133 -30.23 -0.65 12.24
CA ARG A 133 -31.44 0.16 12.27
C ARG A 133 -32.68 -0.68 11.93
N LYS A 134 -32.49 -1.77 11.20
CA LYS A 134 -33.59 -2.67 10.86
C LYS A 134 -33.68 -3.86 11.80
N GLY A 135 -32.84 -3.94 12.82
CA GLY A 135 -32.84 -5.10 13.69
C GLY A 135 -32.17 -6.32 13.09
N LEU A 136 -31.42 -6.16 11.99
CA LEU A 136 -30.81 -7.26 11.28
C LEU A 136 -29.39 -7.58 11.74
N SER A 137 -29.00 -7.13 12.94
CA SER A 137 -27.67 -7.47 13.44
C SER A 137 -27.67 -7.49 14.95
N LYS A 138 -27.19 -8.59 15.52
CA LYS A 138 -26.98 -8.68 16.96
C LYS A 138 -25.63 -8.14 17.40
N ASN A 139 -24.80 -7.65 16.47
CA ASN A 139 -23.52 -7.07 16.82
C ASN A 139 -23.68 -5.63 17.27
N GLU A 140 -23.20 -5.32 18.47
CA GLU A 140 -23.22 -3.94 18.94
C GLU A 140 -22.17 -3.06 18.25
N HIS A 141 -21.23 -3.66 17.53
CA HIS A 141 -20.22 -2.95 16.76
C HIS A 141 -19.95 -3.80 15.54
N PRO A 142 -19.54 -3.20 14.41
CA PRO A 142 -19.22 -4.05 13.26
C PRO A 142 -18.18 -5.09 13.64
N1 LLP A 143 -21.95 -15.77 18.87
C2 LLP A 143 -22.21 -15.06 17.77
C2' LLP A 143 -23.41 -15.45 16.87
C3 LLP A 143 -21.36 -13.97 17.41
O3 LLP A 143 -21.66 -13.26 16.22
C4 LLP A 143 -20.29 -13.64 18.21
C4' LLP A 143 -19.30 -12.40 17.83
C5 LLP A 143 -20.03 -14.35 19.35
C6 LLP A 143 -20.87 -15.43 19.69
C5' LLP A 143 -18.81 -13.99 20.27
OP4 LLP A 143 -18.88 -14.67 21.53
P LLP A 143 -17.79 -15.69 21.98
OP1 LLP A 143 -18.09 -16.17 23.41
OP2 LLP A 143 -17.77 -16.88 21.10
OP3 LLP A 143 -16.46 -15.04 21.96
N LLP A 143 -18.36 -6.33 13.19
CA LLP A 143 -17.41 -7.41 13.51
CB LLP A 143 -18.20 -8.57 14.09
CG LLP A 143 -17.29 -9.67 14.61
CD LLP A 143 -18.16 -10.85 15.07
CE LLP A 143 -18.85 -10.54 16.42
NZ LLP A 143 -19.80 -11.61 16.75
C LLP A 143 -16.67 -7.78 12.27
O LLP A 143 -17.27 -8.22 11.30
N ILE A 144 -15.35 -7.59 12.28
CA ILE A 144 -14.56 -7.66 11.05
C ILE A 144 -13.41 -8.64 11.23
N ILE A 145 -13.28 -9.56 10.28
CA ILE A 145 -12.19 -10.54 10.30
C ILE A 145 -10.99 -9.91 9.62
N VAL A 146 -9.88 -9.83 10.35
CA VAL A 146 -8.69 -9.09 9.95
C VAL A 146 -7.50 -9.99 10.21
N PRO A 147 -6.65 -10.28 9.21
CA PRO A 147 -5.46 -11.08 9.48
C PRO A 147 -4.46 -10.32 10.35
N ILE A 148 -3.71 -11.07 11.16
CA ILE A 148 -2.76 -10.44 12.07
C ILE A 148 -1.62 -9.73 11.33
N THR A 149 -1.47 -9.96 10.02
CA THR A 149 -0.50 -9.29 9.16
C THR A 149 -0.97 -7.91 8.66
N ALA A 150 -2.15 -7.48 9.07
CA ALA A 150 -2.75 -6.26 8.53
C ALA A 150 -1.92 -5.03 8.90
N HIS A 151 -1.93 -4.05 7.99
CA HIS A 151 -1.20 -2.81 8.23
C HIS A 151 -1.80 -2.03 9.39
N PHE A 152 -0.94 -1.24 10.05
CA PHE A 152 -1.33 -0.45 11.22
C PHE A 152 -2.52 0.49 10.97
N SER A 153 -2.78 0.89 9.72
CA SER A 153 -3.95 1.72 9.46
C SER A 153 -5.23 1.03 9.91
N PHE A 154 -5.28 -0.30 9.85
CA PHE A 154 -6.46 -1.01 10.34
C PHE A 154 -6.65 -0.85 11.84
N GLU A 155 -5.56 -0.80 12.59
CA GLU A 155 -5.68 -0.49 14.01
C GLU A 155 -6.17 0.94 14.24
N LYS A 156 -5.71 1.90 13.43
CA LYS A 156 -6.23 3.27 13.54
C LYS A 156 -7.72 3.29 13.30
N GLY A 157 -8.20 2.51 12.32
CA GLY A 157 -9.64 2.47 12.06
C GLY A 157 -10.40 1.84 13.21
N ARG A 158 -9.87 0.73 13.75
CA ARG A 158 -10.55 0.08 14.87
C ARG A 158 -10.67 1.04 16.05
N GLU A 159 -9.57 1.73 16.35
CA GLU A 159 -9.51 2.60 17.53
C GLU A 159 -10.44 3.79 17.37
N MET A 160 -10.52 4.34 16.16
CA MET A 160 -11.38 5.49 15.94
C MET A 160 -12.85 5.09 15.85
N MET A 161 -13.15 4.02 15.13
CA MET A 161 -14.53 3.71 14.78
C MET A 161 -15.17 2.69 15.69
N ASP A 162 -14.48 2.26 16.75
CA ASP A 162 -15.01 1.32 17.72
C ASP A 162 -15.43 0.01 17.06
N LEU A 163 -14.56 -0.50 16.20
CA LEU A 163 -14.82 -1.76 15.50
C LEU A 163 -14.36 -2.92 16.36
N GLU A 164 -15.04 -4.05 16.20
CA GLU A 164 -14.58 -5.29 16.81
C GLU A 164 -13.87 -6.13 15.76
N TYR A 165 -12.60 -6.44 16.00
CA TYR A 165 -11.83 -7.25 15.07
C TYR A 165 -11.76 -8.69 15.57
N ILE A 166 -12.02 -9.63 14.69
CA ILE A 166 -11.65 -11.02 14.89
C ILE A 166 -10.33 -11.22 14.17
N TYR A 167 -9.24 -11.32 14.92
CA TYR A 167 -7.93 -11.44 14.31
C TYR A 167 -7.77 -12.85 13.75
N ALA A 168 -7.52 -12.94 12.45
CA ALA A 168 -7.34 -14.26 11.85
C ALA A 168 -5.88 -14.66 11.91
N PRO A 169 -5.60 -15.91 12.27
CA PRO A 169 -4.22 -16.39 12.25
C PRO A 169 -3.74 -16.61 10.82
N ILE A 170 -2.43 -16.76 10.69
CA ILE A 170 -1.80 -17.00 9.40
C ILE A 170 -1.21 -18.40 9.40
N LYS A 171 -1.05 -18.96 8.20
CA LYS A 171 -0.48 -20.28 8.02
C LYS A 171 1.05 -20.20 7.99
N GLU A 172 1.67 -21.35 7.76
CA GLU A 172 3.14 -21.40 7.73
C GLU A 172 3.72 -20.51 6.65
N ASP A 173 3.00 -20.31 5.54
CA ASP A 173 3.47 -19.41 4.50
C ASP A 173 3.12 -17.94 4.78
N TYR A 174 2.57 -17.64 5.95
CA TYR A 174 2.28 -16.28 6.41
C TYR A 174 1.07 -15.65 5.71
N THR A 175 0.25 -16.45 5.04
CA THR A 175 -1.01 -15.99 4.48
C THR A 175 -2.15 -16.38 5.39
N ILE A 176 -3.28 -15.68 5.23
CA ILE A 176 -4.40 -15.84 6.14
C ILE A 176 -4.93 -17.27 6.07
N ASP A 177 -5.30 -17.81 7.24
CA ASP A 177 -5.85 -19.17 7.36
C ASP A 177 -7.30 -19.15 6.89
N GLU A 178 -7.54 -19.61 5.65
CA GLU A 178 -8.89 -19.54 5.08
C GLU A 178 -9.87 -20.42 5.84
N LYS A 179 -9.41 -21.53 6.40
CA LYS A 179 -10.34 -22.40 7.13
C LYS A 179 -10.84 -21.73 8.40
N PHE A 180 -9.96 -20.99 9.08
CA PHE A 180 -10.39 -20.20 10.23
C PHE A 180 -11.47 -19.21 9.83
N VAL A 181 -11.27 -18.50 8.72
CA VAL A 181 -12.24 -17.51 8.28
C VAL A 181 -13.58 -18.17 7.99
N LYS A 182 -13.55 -19.28 7.27
CA LYS A 182 -14.79 -20.00 6.96
C LYS A 182 -15.49 -20.47 8.24
N ASP A 183 -14.74 -21.05 9.17
CA ASP A 183 -15.33 -21.48 10.43
C ASP A 183 -15.89 -20.31 11.21
N ALA A 184 -15.17 -19.18 11.25
CA ALA A 184 -15.65 -18.04 12.02
C ALA A 184 -16.92 -17.48 11.42
N VAL A 185 -17.01 -17.45 10.08
CA VAL A 185 -18.20 -16.95 9.41
C VAL A 185 -19.39 -17.87 9.66
N GLU A 186 -19.12 -19.18 9.82
CA GLU A 186 -20.20 -20.09 10.19
C GLU A 186 -20.70 -19.83 11.61
N ASP A 187 -19.78 -19.61 12.56
CA ASP A 187 -20.17 -19.47 13.96
C ASP A 187 -20.72 -18.08 14.28
N TYR A 188 -20.13 -17.05 13.70
CA TYR A 188 -20.38 -15.68 14.12
C TYR A 188 -21.12 -14.92 13.03
N ASP A 189 -21.80 -13.87 13.45
CA ASP A 189 -22.33 -12.89 12.51
C ASP A 189 -21.20 -11.92 12.17
N VAL A 190 -20.77 -11.91 10.91
CA VAL A 190 -19.58 -11.17 10.49
C VAL A 190 -19.99 -10.07 9.52
N ASP A 191 -19.45 -8.86 9.74
CA ASP A 191 -19.78 -7.70 8.92
C ASP A 191 -18.74 -7.38 7.85
N GLY A 192 -17.56 -7.96 7.91
CA GLY A 192 -16.55 -7.71 6.91
C GLY A 192 -15.41 -8.69 7.01
N ILE A 193 -14.70 -8.85 5.90
CA ILE A 193 -13.48 -9.63 5.79
C ILE A 193 -12.43 -8.76 5.12
N ILE A 194 -11.22 -8.76 5.67
CA ILE A 194 -10.07 -8.09 5.05
C ILE A 194 -9.12 -9.14 4.53
N GLY A 195 -8.70 -9.00 3.26
CA GLY A 195 -7.62 -9.79 2.71
C GLY A 195 -6.56 -8.86 2.19
N ILE A 196 -5.30 -9.31 2.23
CA ILE A 196 -4.16 -8.45 1.90
C ILE A 196 -3.45 -9.01 0.68
N ALA A 197 -3.28 -8.17 -0.35
CA ALA A 197 -2.58 -8.55 -1.56
C ALA A 197 -1.24 -7.84 -1.55
N GLY A 198 -0.27 -8.44 -0.85
CA GLY A 198 1.02 -7.81 -0.63
C GLY A 198 1.17 -7.26 0.77
N THR A 199 1.44 -8.12 1.75
CA THR A 199 1.53 -7.66 3.12
C THR A 199 2.71 -6.73 3.33
N THR A 200 2.57 -5.84 4.31
CA THR A 200 3.61 -4.86 4.61
C THR A 200 4.93 -5.53 4.97
N GLU A 201 4.90 -6.57 5.81
CA GLU A 201 6.16 -7.10 6.33
C GLU A 201 6.87 -8.01 5.33
N LEU A 202 6.14 -8.89 4.67
CA LEU A 202 6.75 -9.92 3.85
C LEU A 202 6.35 -9.90 2.38
N GLY A 203 5.33 -9.12 2.01
CA GLY A 203 4.89 -9.10 0.63
C GLY A 203 4.10 -10.32 0.18
N THR A 204 3.52 -11.08 1.12
CA THR A 204 2.74 -12.25 0.75
C THR A 204 1.34 -11.85 0.32
N ILE A 205 0.65 -12.79 -0.34
CA ILE A 205 -0.66 -12.55 -0.93
C ILE A 205 -1.66 -13.51 -0.30
N ASP A 206 -2.66 -12.98 0.39
CA ASP A 206 -3.71 -13.81 0.94
C ASP A 206 -4.49 -14.49 -0.19
N ASN A 207 -5.15 -15.61 0.13
CA ASN A 207 -5.95 -16.34 -0.86
C ASN A 207 -7.27 -15.59 -1.06
N ILE A 208 -7.19 -14.48 -1.81
CA ILE A 208 -8.37 -13.65 -2.05
C ILE A 208 -9.46 -14.43 -2.78
N GLU A 209 -9.08 -15.37 -3.67
CA GLU A 209 -10.10 -16.11 -4.40
C GLU A 209 -10.99 -16.90 -3.43
N GLU A 210 -10.38 -17.60 -2.48
CA GLU A 210 -11.17 -18.33 -1.50
C GLU A 210 -11.92 -17.39 -0.56
N LEU A 211 -11.24 -16.33 -0.07
CA LEU A 211 -11.91 -15.37 0.79
C LEU A 211 -13.13 -14.77 0.11
N SER A 212 -12.99 -14.42 -1.17
N SER A 212 -13.00 -14.42 -1.17
CA SER A 212 -14.12 -13.82 -1.89
CA SER A 212 -14.13 -13.81 -1.86
C SER A 212 -15.26 -14.81 -2.06
C SER A 212 -15.27 -14.81 -2.07
N LYS A 213 -14.95 -16.11 -2.20
CA LYS A 213 -16.00 -17.11 -2.29
C LYS A 213 -16.74 -17.22 -0.96
N ILE A 214 -16.00 -17.32 0.14
CA ILE A 214 -16.63 -17.30 1.47
C ILE A 214 -17.49 -16.05 1.62
N ALA A 215 -16.94 -14.90 1.22
CA ALA A 215 -17.66 -13.64 1.40
C ALA A 215 -18.93 -13.61 0.55
N LYS A 216 -18.83 -14.02 -0.71
CA LYS A 216 -20.00 -13.98 -1.57
C LYS A 216 -21.07 -14.96 -1.09
N GLU A 217 -20.66 -16.17 -0.68
CA GLU A 217 -21.63 -17.16 -0.24
C GLU A 217 -22.34 -16.76 1.04
N ASN A 218 -21.76 -15.87 1.84
CA ASN A 218 -22.34 -15.48 3.12
C ASN A 218 -22.80 -14.02 3.14
N ASN A 219 -22.78 -13.35 2.00
CA ASN A 219 -23.24 -11.96 1.89
C ASN A 219 -22.41 -11.04 2.79
N ILE A 220 -21.10 -11.23 2.79
CA ILE A 220 -20.18 -10.46 3.64
C ILE A 220 -19.32 -9.58 2.74
N TYR A 221 -19.24 -8.29 3.09
CA TYR A 221 -18.34 -7.35 2.42
C TYR A 221 -16.89 -7.81 2.56
N ILE A 222 -16.15 -7.80 1.45
CA ILE A 222 -14.72 -8.12 1.50
C ILE A 222 -13.91 -6.96 0.91
N HIS A 223 -12.92 -6.51 1.68
CA HIS A 223 -12.00 -5.47 1.25
C HIS A 223 -10.64 -6.11 1.01
N VAL A 224 -9.99 -5.73 -0.10
CA VAL A 224 -8.65 -6.18 -0.42
C VAL A 224 -7.68 -5.01 -0.23
N ASP A 225 -6.71 -5.18 0.64
CA ASP A 225 -5.71 -4.15 0.81
C ASP A 225 -4.57 -4.46 -0.16
N ALA A 226 -4.59 -3.79 -1.31
CA ALA A 226 -3.52 -3.92 -2.31
C ALA A 226 -2.70 -2.63 -2.38
N ALA A 227 -2.60 -1.90 -1.26
CA ALA A 227 -1.86 -0.63 -1.24
C ALA A 227 -0.55 -0.74 -1.98
N PHE A 228 0.21 -1.78 -1.67
CA PHE A 228 1.50 -2.02 -2.31
C PHE A 228 1.37 -2.97 -3.48
N GLY A 229 0.78 -4.14 -3.26
CA GLY A 229 0.75 -5.18 -4.28
C GLY A 229 -0.09 -4.84 -5.50
N GLY A 230 -1.02 -3.89 -5.39
CA GLY A 230 -1.92 -3.63 -6.49
C GLY A 230 -1.23 -3.13 -7.75
N LEU A 231 -0.10 -2.45 -7.58
CA LEU A 231 0.67 -1.96 -8.72
C LEU A 231 1.90 -2.81 -9.00
N VAL A 232 1.96 -4.01 -8.42
CA VAL A 232 3.03 -4.97 -8.66
C VAL A 232 2.49 -6.27 -9.25
N ILE A 233 1.52 -6.88 -8.56
CA ILE A 233 0.99 -8.19 -8.96
C ILE A 233 0.55 -8.23 -10.41
N PRO A 234 -0.20 -7.26 -10.94
CA PRO A 234 -0.65 -7.37 -12.34
C PRO A 234 0.49 -7.34 -13.36
N PHE A 235 1.71 -7.03 -12.93
CA PHE A 235 2.81 -6.86 -13.86
C PHE A 235 3.89 -7.92 -13.71
N LEU A 236 3.68 -8.94 -12.87
CA LEU A 236 4.73 -9.92 -12.61
C LEU A 236 4.91 -10.84 -13.81
N ASP A 237 6.15 -10.96 -14.29
CA ASP A 237 6.48 -12.00 -15.26
C ASP A 237 6.32 -13.38 -14.64
N ASP A 238 6.01 -14.37 -15.49
CA ASP A 238 5.74 -15.70 -14.97
C ASP A 238 6.93 -16.28 -14.22
N LYS A 239 8.16 -15.86 -14.56
CA LYS A 239 9.36 -16.36 -13.90
C LYS A 239 9.32 -16.09 -12.40
N TYR A 240 8.64 -15.02 -11.99
CA TYR A 240 8.60 -14.65 -10.58
C TYR A 240 7.38 -15.20 -9.87
N LYS A 241 6.42 -15.77 -10.60
CA LYS A 241 5.27 -16.37 -9.96
C LYS A 241 5.64 -17.75 -9.44
N LYS A 242 5.03 -18.11 -8.32
CA LYS A 242 5.35 -19.37 -7.64
C LYS A 242 4.17 -20.33 -7.80
N LYS A 243 4.50 -21.60 -8.04
CA LYS A 243 3.46 -22.62 -8.04
C LYS A 243 2.78 -22.67 -6.68
N GLY A 244 1.46 -22.80 -6.70
CA GLY A 244 0.69 -22.86 -5.48
C GLY A 244 0.28 -21.51 -4.93
N VAL A 245 0.98 -20.44 -5.25
CA VAL A 245 0.56 -19.09 -4.83
C VAL A 245 -0.50 -18.60 -5.81
N ASN A 246 -1.63 -18.15 -5.27
CA ASN A 246 -2.65 -17.54 -6.12
C ASN A 246 -2.38 -16.05 -6.20
N TYR A 247 -2.43 -15.51 -7.41
CA TYR A 247 -2.15 -14.11 -7.65
C TYR A 247 -3.40 -13.30 -7.97
N LYS A 248 -4.56 -13.95 -8.03
CA LYS A 248 -5.80 -13.23 -8.29
C LYS A 248 -6.21 -12.46 -7.06
N PHE A 249 -6.61 -11.20 -7.24
CA PHE A 249 -6.95 -10.38 -6.07
C PHE A 249 -7.96 -9.30 -6.42
N ASP A 250 -8.29 -9.12 -7.70
CA ASP A 250 -8.96 -7.89 -8.09
C ASP A 250 -10.48 -8.08 -8.24
N PHE A 251 -11.13 -7.13 -8.93
CA PHE A 251 -12.58 -7.17 -9.04
C PHE A 251 -13.10 -8.32 -9.91
N SER A 252 -12.23 -9.03 -10.64
CA SER A 252 -12.71 -10.25 -11.30
C SER A 252 -13.17 -11.29 -10.28
N LEU A 253 -12.73 -11.16 -9.02
CA LEU A 253 -13.20 -12.04 -7.95
C LEU A 253 -14.48 -11.54 -7.30
N GLY A 254 -15.01 -10.39 -7.73
CA GLY A 254 -16.22 -9.87 -7.13
C GLY A 254 -16.04 -9.23 -5.76
N VAL A 255 -14.83 -8.81 -5.39
CA VAL A 255 -14.62 -8.15 -4.09
C VAL A 255 -15.28 -6.78 -4.09
N ASP A 256 -15.52 -6.26 -2.89
CA ASP A 256 -16.27 -5.02 -2.73
C ASP A 256 -15.40 -3.77 -2.87
N SER A 257 -14.17 -3.81 -2.37
CA SER A 257 -13.31 -2.64 -2.52
C SER A 257 -11.85 -3.08 -2.50
N ILE A 258 -10.99 -2.22 -3.05
CA ILE A 258 -9.56 -2.46 -3.15
C ILE A 258 -8.84 -1.15 -2.89
N THR A 259 -7.89 -1.17 -1.96
CA THR A 259 -6.94 -0.07 -1.74
C THR A 259 -5.74 -0.32 -2.64
N ILE A 260 -5.24 0.74 -3.29
CA ILE A 260 -4.12 0.59 -4.21
C ILE A 260 -3.47 1.95 -4.37
N ASP A 261 -2.17 2.07 -4.06
CA ASP A 261 -1.57 3.39 -3.86
C ASP A 261 -0.54 3.74 -4.92
N PRO A 262 -0.83 4.71 -5.80
CA PRO A 262 0.20 5.19 -6.74
C PRO A 262 1.47 5.73 -6.07
N HIS A 263 1.39 6.31 -4.86
CA HIS A 263 2.65 6.81 -4.29
C HIS A 263 3.50 5.71 -3.69
N ALA A 264 3.06 4.45 -3.78
CA ALA A 264 3.93 3.32 -3.47
C ALA A 264 4.61 2.88 -4.77
N MET A 265 4.15 1.80 -5.42
CA MET A 265 4.82 1.33 -6.63
C MET A 265 4.28 1.96 -7.92
N GLY A 266 3.53 3.06 -7.82
CA GLY A 266 3.14 3.84 -8.98
C GLY A 266 4.03 5.04 -9.30
N HIS A 267 5.09 5.27 -8.53
CA HIS A 267 6.06 6.34 -8.80
C HIS A 267 5.41 7.73 -8.78
N CYS A 268 4.29 7.88 -8.03
CA CYS A 268 3.65 9.19 -7.97
C CYS A 268 4.00 9.89 -6.66
N PRO A 269 4.02 11.21 -6.65
CA PRO A 269 4.33 11.94 -5.42
C PRO A 269 3.24 11.78 -4.38
N ILE A 270 3.67 11.72 -3.12
CA ILE A 270 2.75 11.84 -1.98
C ILE A 270 2.06 13.19 -2.07
N PRO A 271 0.73 13.30 -1.83
CA PRO A 271 -0.20 12.21 -1.51
C PRO A 271 -0.92 11.66 -2.76
N SER A 272 -0.77 10.35 -3.00
CA SER A 272 -1.41 9.62 -4.11
C SER A 272 -1.79 8.21 -3.60
N GLY A 273 -2.87 8.12 -2.82
CA GLY A 273 -3.46 6.84 -2.49
C GLY A 273 -4.70 6.59 -3.32
N GLY A 274 -5.16 5.33 -3.31
CA GLY A 274 -6.32 4.98 -4.11
C GLY A 274 -7.30 4.07 -3.39
N ILE A 275 -8.59 4.35 -3.51
CA ILE A 275 -9.62 3.48 -2.98
C ILE A 275 -10.66 3.32 -4.08
N LEU A 276 -10.92 2.07 -4.46
CA LEU A 276 -11.88 1.73 -5.49
C LEU A 276 -12.94 0.81 -4.91
N PHE A 277 -14.20 1.13 -5.14
CA PHE A 277 -15.32 0.29 -4.78
C PHE A 277 -15.89 -0.36 -6.04
N LYS A 278 -16.64 -1.45 -5.84
CA LYS A 278 -17.07 -2.25 -6.97
C LYS A 278 -17.93 -1.45 -7.94
N ASP A 279 -18.84 -0.62 -7.42
CA ASP A 279 -19.64 0.25 -8.27
C ASP A 279 -20.11 1.45 -7.46
N ILE A 280 -20.87 2.34 -8.11
CA ILE A 280 -21.34 3.57 -7.48
C ILE A 280 -22.39 3.32 -6.41
N GLY A 281 -22.98 2.12 -6.36
CA GLY A 281 -23.90 1.80 -5.29
C GLY A 281 -23.29 1.94 -3.90
N TYR A 282 -21.97 1.87 -3.80
CA TYR A 282 -21.29 1.97 -2.51
C TYR A 282 -21.19 3.41 -2.02
N LYS A 283 -21.39 4.39 -2.92
CA LYS A 283 -21.20 5.78 -2.54
C LYS A 283 -22.16 6.19 -1.41
N ARG A 284 -23.38 5.67 -1.42
CA ARG A 284 -24.35 6.09 -0.41
C ARG A 284 -23.90 5.69 0.99
N TYR A 285 -23.12 4.62 1.13
CA TYR A 285 -22.61 4.21 2.44
C TYR A 285 -21.39 4.99 2.89
N LEU A 286 -20.90 5.90 2.06
CA LEU A 286 -19.85 6.82 2.46
C LEU A 286 -20.39 8.18 2.84
N ASP A 287 -21.71 8.37 2.72
CA ASP A 287 -22.34 9.60 3.19
C ASP A 287 -22.22 9.70 4.71
N VAL A 288 -22.24 10.94 5.19
CA VAL A 288 -22.12 11.21 6.62
C VAL A 288 -23.45 11.73 7.19
N GLN A 298 -19.20 15.03 -0.29
CA GLN A 298 -17.85 14.53 -0.05
C GLN A 298 -17.79 13.12 0.56
N ALA A 299 -17.17 12.20 -0.16
CA ALA A 299 -17.01 10.85 0.34
C ALA A 299 -15.66 10.63 1.00
N THR A 300 -14.69 11.52 0.77
CA THR A 300 -13.37 11.33 1.38
C THR A 300 -13.39 11.77 2.83
N ILE A 301 -12.43 11.24 3.60
CA ILE A 301 -12.28 11.72 4.97
C ILE A 301 -11.74 13.14 4.97
N LEU A 302 -10.70 13.40 4.19
CA LEU A 302 -10.16 14.75 4.09
C LEU A 302 -11.15 15.68 3.39
N GLY A 303 -11.00 16.97 3.67
CA GLY A 303 -11.82 17.98 3.02
C GLY A 303 -11.05 18.60 1.88
N THR A 304 -10.46 19.77 2.13
CA THR A 304 -9.48 20.31 1.22
C THR A 304 -8.40 19.26 0.96
N ARG A 305 -8.04 19.06 -0.31
CA ARG A 305 -7.15 17.95 -0.64
C ARG A 305 -6.57 18.20 -2.03
N VAL A 306 -5.42 17.56 -2.30
CA VAL A 306 -4.65 17.88 -3.49
C VAL A 306 -5.40 17.45 -4.75
N GLY A 307 -5.16 18.20 -5.83
CA GLY A 307 -5.62 17.75 -7.12
C GLY A 307 -4.51 17.11 -7.93
N PHE A 308 -3.26 17.30 -7.52
CA PHE A 308 -2.17 16.76 -8.36
C PHE A 308 -2.01 15.25 -8.24
N GLY A 309 -2.54 14.63 -7.19
CA GLY A 309 -2.42 13.18 -7.10
C GLY A 309 -3.17 12.48 -8.21
N GLY A 310 -4.39 12.92 -8.48
CA GLY A 310 -5.14 12.33 -9.58
C GLY A 310 -4.49 12.59 -10.91
N ALA A 311 -4.01 13.83 -11.13
CA ALA A 311 -3.35 14.15 -12.38
C ALA A 311 -2.08 13.32 -12.57
N CYS A 312 -1.30 13.10 -11.51
CA CYS A 312 -0.08 12.31 -11.63
C CYS A 312 -0.41 10.84 -11.85
N THR A 313 -1.40 10.32 -11.14
CA THR A 313 -1.78 8.91 -11.30
C THR A 313 -2.19 8.63 -12.74
N TYR A 314 -3.08 9.46 -13.28
CA TYR A 314 -3.49 9.30 -14.67
C TYR A 314 -2.30 9.39 -15.61
N ALA A 315 -1.46 10.41 -15.43
CA ALA A 315 -0.38 10.67 -16.38
C ALA A 315 0.72 9.60 -16.30
N VAL A 316 1.09 9.16 -15.10
CA VAL A 316 2.13 8.14 -15.01
C VAL A 316 1.67 6.84 -15.66
N LEU A 317 0.42 6.44 -15.42
CA LEU A 317 -0.07 5.20 -16.03
C LEU A 317 -0.20 5.34 -17.55
N ARG A 318 -0.58 6.52 -18.03
CA ARG A 318 -0.61 6.77 -19.48
C ARG A 318 0.79 6.80 -20.06
N TYR A 319 1.70 7.49 -19.38
CA TYR A 319 3.06 7.65 -19.90
C TYR A 319 3.77 6.31 -19.98
N LEU A 320 3.63 5.48 -18.94
CA LEU A 320 4.29 4.18 -18.93
C LEU A 320 3.54 3.17 -19.78
N GLY A 321 2.22 3.17 -19.72
CA GLY A 321 1.47 2.05 -20.25
C GLY A 321 1.79 0.80 -19.47
N ARG A 322 1.13 -0.33 -19.78
CA ARG A 322 1.46 -1.57 -19.10
C ARG A 322 2.90 -1.97 -19.35
N GLU A 323 3.42 -1.73 -20.56
CA GLU A 323 4.77 -2.17 -20.85
C GLU A 323 5.80 -1.47 -19.98
N GLY A 324 5.59 -0.17 -19.72
CA GLY A 324 6.58 0.57 -18.94
C GLY A 324 6.56 0.17 -17.47
N GLN A 325 5.37 -0.11 -16.94
CA GLN A 325 5.29 -0.54 -15.55
C GLN A 325 5.79 -1.97 -15.40
N ARG A 326 5.50 -2.84 -16.37
CA ARG A 326 6.05 -4.20 -16.32
C ARG A 326 7.57 -4.17 -16.27
N LYS A 327 8.19 -3.30 -17.06
CA LYS A 327 9.64 -3.21 -17.06
C LYS A 327 10.18 -2.87 -15.68
N ILE A 328 9.59 -1.84 -15.05
CA ILE A 328 10.04 -1.42 -13.74
C ILE A 328 9.80 -2.51 -12.71
N VAL A 329 8.60 -3.11 -12.73
CA VAL A 329 8.25 -4.11 -11.72
C VAL A 329 9.21 -5.30 -11.80
N ASN A 330 9.48 -5.78 -13.02
CA ASN A 330 10.32 -6.97 -13.12
C ASN A 330 11.80 -6.63 -12.98
N GLU A 331 12.19 -5.39 -13.24
CA GLU A 331 13.52 -4.94 -12.82
C GLU A 331 13.66 -5.02 -11.30
N CYS A 332 12.64 -4.59 -10.56
CA CYS A 332 12.70 -4.70 -9.10
C CYS A 332 12.74 -6.17 -8.69
N MET A 333 11.92 -7.00 -9.34
CA MET A 333 11.93 -8.43 -9.01
C MET A 333 13.27 -9.07 -9.33
N GLU A 334 13.88 -8.65 -10.44
CA GLU A 334 15.22 -9.15 -10.77
C GLU A 334 16.18 -8.86 -9.62
N ASN A 335 16.15 -7.64 -9.10
CA ASN A 335 17.07 -7.28 -8.02
C ASN A 335 16.67 -7.91 -6.71
N THR A 336 15.38 -8.18 -6.53
CA THR A 336 14.90 -8.88 -5.34
C THR A 336 15.43 -10.30 -5.29
N LEU A 337 15.36 -11.01 -6.42
CA LEU A 337 15.85 -12.39 -6.45
C LEU A 337 17.37 -12.43 -6.43
N TYR A 338 18.02 -11.40 -6.98
CA TYR A 338 19.46 -11.27 -6.84
C TYR A 338 19.85 -11.13 -5.38
N LEU A 339 19.15 -10.26 -4.65
CA LEU A 339 19.40 -10.10 -3.22
C LEU A 339 19.16 -11.39 -2.47
N TYR A 340 18.06 -12.08 -2.77
CA TYR A 340 17.76 -13.34 -2.11
C TYR A 340 18.88 -14.36 -2.34
N LYS A 341 19.42 -14.41 -3.57
CA LYS A 341 20.47 -15.37 -3.88
C LYS A 341 21.75 -15.02 -3.15
N LYS A 342 22.14 -13.74 -3.14
CA LYS A 342 23.34 -13.33 -2.41
C LYS A 342 23.19 -13.58 -0.91
N LEU A 343 21.98 -13.46 -0.36
CA LEU A 343 21.78 -13.73 1.06
C LEU A 343 22.05 -15.19 1.38
N LYS A 344 21.47 -16.11 0.60
CA LYS A 344 21.68 -17.53 0.88
C LYS A 344 23.13 -17.93 0.65
N GLU A 345 23.76 -17.38 -0.39
CA GLU A 345 25.17 -17.65 -0.64
C GLU A 345 26.03 -17.25 0.56
N ASN A 346 25.62 -16.22 1.29
CA ASN A 346 26.35 -15.75 2.46
C ASN A 346 25.77 -16.29 3.76
N ASN A 347 25.02 -17.39 3.68
CA ASN A 347 24.52 -18.13 4.84
C ASN A 347 23.53 -17.31 5.68
N PHE A 348 22.86 -16.34 5.06
CA PHE A 348 21.75 -15.67 5.74
C PHE A 348 20.46 -16.40 5.41
N LYS A 349 19.48 -16.32 6.33
CA LYS A 349 18.25 -17.08 6.18
C LYS A 349 17.09 -16.14 5.87
N PRO A 350 16.68 -16.01 4.60
CA PRO A 350 15.47 -15.24 4.30
C PRO A 350 14.26 -15.89 4.95
N VAL A 351 13.34 -15.06 5.44
CA VAL A 351 12.11 -15.56 6.05
C VAL A 351 11.35 -16.43 5.06
N ILE A 352 11.20 -15.95 3.82
CA ILE A 352 10.51 -16.67 2.76
C ILE A 352 11.21 -16.37 1.44
N GLU A 353 11.05 -17.27 0.49
CA GLU A 353 11.37 -16.93 -0.89
C GLU A 353 10.44 -15.78 -1.30
N PRO A 354 10.97 -14.69 -1.86
CA PRO A 354 10.14 -13.50 -2.06
C PRO A 354 8.98 -13.76 -3.00
N ILE A 355 7.85 -13.14 -2.69
CA ILE A 355 6.67 -13.13 -3.54
C ILE A 355 6.61 -11.85 -4.36
N LEU A 356 6.76 -10.71 -3.70
CA LEU A 356 6.87 -9.40 -4.32
C LEU A 356 8.30 -8.90 -4.11
N ASN A 357 8.53 -7.60 -4.35
CA ASN A 357 9.88 -7.05 -4.24
C ASN A 357 10.21 -6.69 -2.79
N ILE A 358 10.05 -7.69 -1.92
CA ILE A 358 10.27 -7.54 -0.48
C ILE A 358 10.97 -8.80 0.00
N VAL A 359 12.07 -8.63 0.75
CA VAL A 359 12.80 -9.74 1.36
C VAL A 359 13.08 -9.41 2.81
N ALA A 360 12.96 -10.41 3.69
CA ALA A 360 13.26 -10.24 5.11
C ALA A 360 14.31 -11.26 5.54
N ILE A 361 15.26 -10.82 6.36
CA ILE A 361 16.39 -11.65 6.79
C ILE A 361 16.18 -11.99 8.26
N GLU A 362 16.06 -13.28 8.57
CA GLU A 362 15.96 -13.71 9.96
C GLU A 362 17.23 -13.33 10.72
N ASP A 363 17.06 -12.77 11.93
CA ASP A 363 18.19 -12.40 12.77
C ASP A 363 17.70 -12.22 14.19
N GLU A 364 18.24 -13.01 15.13
CA GLU A 364 17.86 -12.88 16.53
C GLU A 364 18.27 -11.52 17.08
N ASP A 365 19.43 -11.01 16.66
CA ASP A 365 19.89 -9.68 17.07
C ASP A 365 19.44 -8.59 16.12
N TYR A 366 18.21 -8.68 15.59
CA TYR A 366 17.81 -7.80 14.50
C TYR A 366 17.80 -6.33 14.94
N LYS A 367 17.38 -6.06 16.18
CA LYS A 367 17.37 -4.69 16.68
C LYS A 367 18.78 -4.09 16.67
N GLU A 368 19.74 -4.81 17.25
CA GLU A 368 21.11 -4.29 17.27
C GLU A 368 21.72 -4.24 15.88
N VAL A 369 21.45 -5.25 15.06
CA VAL A 369 22.02 -5.29 13.71
C VAL A 369 21.47 -4.14 12.88
N CYS A 370 20.18 -3.83 13.05
CA CYS A 370 19.60 -2.68 12.36
C CYS A 370 20.31 -1.39 12.78
N LYS A 371 20.61 -1.25 14.08
CA LYS A 371 21.31 -0.04 14.54
C LYS A 371 22.73 0.00 13.99
N LYS A 372 23.43 -1.15 13.97
CA LYS A 372 24.77 -1.18 13.40
C LYS A 372 24.74 -0.85 11.91
N LEU A 373 23.71 -1.34 11.20
CA LEU A 373 23.56 -0.99 9.79
C LEU A 373 23.37 0.51 9.61
N ARG A 374 22.53 1.13 10.45
CA ARG A 374 22.33 2.58 10.37
C ARG A 374 23.66 3.32 10.52
N ASP A 375 24.48 2.92 11.50
CA ASP A 375 25.77 3.59 11.71
C ASP A 375 26.65 3.48 10.48
N ARG A 376 26.45 2.48 9.63
CA ARG A 376 27.22 2.29 8.41
C ARG A 376 26.47 2.78 7.17
N GLY A 377 25.39 3.53 7.34
CA GLY A 377 24.69 4.15 6.22
C GLY A 377 23.62 3.31 5.54
N ILE A 378 23.20 2.22 6.16
CA ILE A 378 22.23 1.30 5.58
C ILE A 378 20.99 1.30 6.47
N TYR A 379 19.86 1.74 5.93
CA TYR A 379 18.63 1.92 6.70
C TYR A 379 17.60 0.90 6.25
N VAL A 380 17.45 -0.16 7.04
CA VAL A 380 16.42 -1.17 6.81
C VAL A 380 15.29 -0.92 7.80
N SER A 381 14.22 -1.69 7.72
CA SER A 381 13.17 -1.61 8.73
C SER A 381 13.10 -2.92 9.48
N VAL A 382 12.44 -2.88 10.63
CA VAL A 382 12.34 -4.07 11.47
C VAL A 382 10.90 -4.31 11.92
N VAL A 386 7.79 -10.25 13.60
CA VAL A 386 8.87 -10.97 12.92
C VAL A 386 10.25 -10.47 13.40
N LYS A 387 11.14 -11.42 13.74
CA LYS A 387 12.48 -11.08 14.20
C LYS A 387 13.40 -11.08 12.98
N ALA A 388 13.35 -9.99 12.23
CA ALA A 388 13.99 -9.99 10.92
C ALA A 388 14.26 -8.57 10.47
N LEU A 389 15.25 -8.43 9.58
CA LEU A 389 15.50 -7.18 8.88
C LEU A 389 14.68 -7.19 7.59
N ARG A 390 14.00 -6.07 7.29
CA ARG A 390 13.11 -6.02 6.15
C ARG A 390 13.67 -5.08 5.08
N ILE A 391 13.76 -5.59 3.85
CA ILE A 391 14.26 -4.83 2.72
C ILE A 391 13.17 -4.77 1.66
N VAL A 392 12.83 -3.56 1.23
CA VAL A 392 11.88 -3.34 0.14
C VAL A 392 12.68 -2.92 -1.08
N VAL A 393 12.69 -3.76 -2.11
CA VAL A 393 13.56 -3.53 -3.29
C VAL A 393 12.75 -2.64 -4.23
N MET A 394 12.71 -1.35 -3.90
CA MET A 394 12.04 -0.36 -4.73
C MET A 394 12.91 -0.06 -5.95
N PRO A 395 12.40 0.71 -6.93
CA PRO A 395 13.22 0.98 -8.13
C PRO A 395 14.54 1.69 -7.84
N HIS A 396 14.69 2.34 -6.69
CA HIS A 396 15.97 3.00 -6.41
C HIS A 396 17.05 2.03 -5.92
N ILE A 397 16.72 0.79 -5.61
CA ILE A 397 17.71 -0.18 -5.16
C ILE A 397 18.30 -0.90 -6.37
N LYS A 398 19.59 -0.69 -6.62
CA LYS A 398 20.28 -1.30 -7.75
C LYS A 398 21.22 -2.40 -7.28
N ARG A 399 21.77 -3.15 -8.23
CA ARG A 399 22.63 -4.27 -7.86
C ARG A 399 23.81 -3.82 -7.01
N GLU A 400 24.37 -2.64 -7.31
CA GLU A 400 25.52 -2.18 -6.54
C GLU A 400 25.15 -1.87 -5.09
N HIS A 401 23.90 -1.43 -4.87
CA HIS A 401 23.45 -1.20 -3.51
C HIS A 401 23.28 -2.51 -2.75
N ILE A 402 22.78 -3.54 -3.44
CA ILE A 402 22.65 -4.85 -2.81
C ILE A 402 24.03 -5.43 -2.49
N ASP A 403 24.98 -5.29 -3.42
CA ASP A 403 26.35 -5.73 -3.14
C ASP A 403 26.93 -5.00 -1.94
N ASN A 404 26.78 -3.67 -1.93
CA ASN A 404 27.24 -2.89 -0.79
C ASN A 404 26.59 -3.37 0.50
N PHE A 405 25.27 -3.64 0.46
CA PHE A 405 24.57 -4.08 1.66
C PHE A 405 25.15 -5.39 2.20
N ILE A 406 25.36 -6.36 1.32
CA ILE A 406 25.89 -7.66 1.75
C ILE A 406 27.27 -7.50 2.37
N GLU A 407 28.12 -6.68 1.75
CA GLU A 407 29.45 -6.42 2.29
C GLU A 407 29.37 -5.89 3.72
N ILE A 408 28.54 -4.86 3.93
CA ILE A 408 28.43 -4.27 5.26
C ILE A 408 27.83 -5.26 6.25
N LEU A 409 26.83 -6.03 5.82
CA LEU A 409 26.21 -6.99 6.72
C LEU A 409 27.19 -8.10 7.10
N ASN A 410 27.90 -8.66 6.10
CA ASN A 410 28.96 -9.62 6.39
C ASN A 410 29.94 -9.06 7.42
N SER A 411 30.42 -7.84 7.18
CA SER A 411 31.38 -7.22 8.09
C SER A 411 30.81 -7.08 9.50
N ILE A 412 29.53 -6.73 9.62
CA ILE A 412 28.92 -6.57 10.94
C ILE A 412 28.88 -7.90 11.68
N LYS A 413 28.70 -9.00 10.95
CA LYS A 413 28.55 -10.31 11.58
C LYS A 413 29.91 -10.92 11.96
N ARG A 414 30.93 -10.08 12.16
CA ARG A 414 32.23 -10.53 12.64
C ARG A 414 33.07 -11.10 11.50
C1 GOL B . -23.70 -2.50 -0.68
O1 GOL B . -23.56 -3.80 -0.20
C2 GOL B . -23.64 -2.63 -2.20
O2 GOL B . -24.51 -3.61 -2.65
C3 GOL B . -24.00 -1.24 -2.76
O3 GOL B . -24.05 -1.39 -4.17
C1 GOL C . -25.72 4.69 15.17
O1 GOL C . -25.97 5.86 14.48
C2 GOL C . -24.24 4.72 15.63
O2 GOL C . -24.09 5.18 16.94
C3 GOL C . -23.75 3.27 15.47
O3 GOL C . -22.39 3.25 15.82
C1 GOL D . -24.70 -9.08 9.24
O1 GOL D . -25.53 -9.67 8.29
C2 GOL D . -24.65 -10.03 10.42
O2 GOL D . -23.90 -11.16 10.11
C3 GOL D . -24.03 -9.19 11.60
O3 GOL D . -24.30 -7.86 11.40
S SO4 E . 21.01 -2.52 -11.91
O1 SO4 E . 22.34 -2.02 -11.52
O2 SO4 E . 21.15 -3.78 -12.65
O3 SO4 E . 20.19 -2.78 -10.73
O4 SO4 E . 20.38 -1.52 -12.75
CA EBR F . 4.19 1.24 4.25
CB EBR F . 4.23 2.71 4.38
CG EBR F . 5.68 3.18 4.38
CD1 EBR F . 6.23 3.80 3.26
CD2 EBR F . 6.47 3.06 5.51
CE1 EBR F . 7.51 4.30 3.28
CE2 EBR F . 7.76 3.55 5.54
CZ EBR F . 8.29 4.18 4.42
NH EBR F . 3.05 0.60 4.10
OH EBR F . 9.54 4.71 4.47
C1 EBR F . -0.37 -1.71 3.38
C2A EBR F . -0.37 -3.16 2.99
C3 EBR F . 0.77 -1.01 3.58
C4 EBR F . 0.64 0.44 3.89
C4A EBR F . 1.83 1.18 4.04
C5 EBR F . -0.69 1.00 3.99
C5A EBR F . -0.85 2.45 4.34
C6 EBR F . -1.75 0.19 3.79
N1 EBR F . -1.61 -1.14 3.49
O1P EBR F . 1.29 4.76 4.23
O2P EBR F . -1.09 5.55 4.17
O3 EBR F . 1.90 -1.57 3.55
O3P EBR F . 0.14 5.28 1.99
O4P EBR F . -0.48 3.24 3.22
P EBR F . -0.01 4.76 3.43
#